data_3H87
#
_entry.id   3H87
#
_cell.length_a   85.557
_cell.length_b   85.557
_cell.length_c   155.611
_cell.angle_alpha   90.00
_cell.angle_beta   90.00
_cell.angle_gamma   90.00
#
_symmetry.space_group_name_H-M   'P 41 21 2'
#
loop_
_entity.id
_entity.type
_entity.pdbx_description
1 polymer 'Putative uncharacterized protein'
2 polymer 'Putative uncharacterized protein'
3 non-polymer GLYCEROL
4 non-polymer 'MAGNESIUM ION'
5 non-polymer BETA-MERCAPTOETHANOL
6 non-polymer IMIDAZOLE
7 water water
#
loop_
_entity_poly.entity_id
_entity_poly.type
_entity_poly.pdbx_seq_one_letter_code
_entity_poly.pdbx_strand_id
1 'polypeptide(L)'
;MAHHHHHHVDDDDKMVTDQRWLIDKSALVRLTDSPDMEIWSNRIERGLVHITGVTRLEVGFSAECGEIARREFREPPLSA
MPVEYLTPRIEDRALEVQTLLADRGHHRGPSIPDLLIAATAELSGLTVLHVDKDFDAIAALTGQKTERLTHRPPSA
;
A,B
2 'polypeptide(L)' MSDVLIRDIPDDVLASLDAIAARLGLSRTEYIRRRLAQDAQTARVTVTAADLRRLRGAVAGLGDPELMRQAWR C,D
#
# COMPACT_ATOMS: atom_id res chain seq x y z
N THR A 17 22.11 4.13 17.71
CA THR A 17 20.97 5.05 18.03
C THR A 17 19.64 4.47 17.56
N ASP A 18 18.55 5.00 18.11
CA ASP A 18 17.26 4.43 17.81
C ASP A 18 16.72 4.87 16.44
N GLN A 19 17.43 5.76 15.73
CA GLN A 19 16.89 6.27 14.43
C GLN A 19 16.85 5.25 13.31
N ARG A 20 15.69 5.19 12.68
CA ARG A 20 15.43 4.36 11.49
CA ARG A 20 15.56 4.42 11.44
C ARG A 20 14.84 5.24 10.39
N TRP A 21 15.01 4.86 9.13
CA TRP A 21 14.54 5.66 8.00
C TRP A 21 13.59 4.86 7.11
N LEU A 22 12.74 5.59 6.41
CA LEU A 22 11.86 5.06 5.34
C LEU A 22 12.24 5.72 4.02
N ILE A 23 12.78 4.96 3.05
CA ILE A 23 13.38 5.57 1.86
C ILE A 23 12.35 5.78 0.75
N ASP A 24 12.22 7.02 0.27
CA ASP A 24 11.36 7.32 -0.87
C ASP A 24 12.04 6.97 -2.19
N LYS A 25 11.25 6.80 -3.26
CA LYS A 25 11.84 6.58 -4.59
C LYS A 25 12.86 7.63 -5.01
N SER A 26 12.63 8.87 -4.61
CA SER A 26 13.49 9.99 -4.99
C SER A 26 14.91 9.89 -4.42
N ALA A 27 15.04 9.30 -3.25
CA ALA A 27 16.36 9.00 -2.67
C ALA A 27 16.91 7.67 -3.18
N LEU A 28 16.06 6.64 -3.31
CA LEU A 28 16.51 5.33 -3.78
C LEU A 28 17.34 5.42 -5.09
N VAL A 29 16.84 6.18 -6.05
CA VAL A 29 17.45 6.27 -7.39
C VAL A 29 18.67 7.21 -7.41
N ARG A 30 18.90 7.96 -6.32
CA ARG A 30 20.00 8.90 -6.19
C ARG A 30 21.11 8.51 -5.21
N LEU A 31 21.00 7.36 -4.58
CA LEU A 31 22.03 6.91 -3.63
C LEU A 31 23.39 6.78 -4.28
N THR A 32 23.44 6.27 -5.51
CA THR A 32 24.68 6.00 -6.24
C THR A 32 25.46 7.28 -6.42
N ASP A 33 24.74 8.40 -6.38
CA ASP A 33 25.34 9.72 -6.53
C ASP A 33 25.48 10.58 -5.25
N SER A 34 25.36 9.95 -4.08
CA SER A 34 25.53 10.68 -2.82
C SER A 34 26.95 10.61 -2.28
N PRO A 35 27.50 11.74 -1.81
CA PRO A 35 28.77 11.67 -1.07
C PRO A 35 28.71 10.89 0.25
N ASP A 36 27.49 10.63 0.74
CA ASP A 36 27.26 9.82 1.93
C ASP A 36 26.90 8.37 1.58
N MET A 37 27.19 7.97 0.34
CA MET A 37 26.90 6.61 -0.13
C MET A 37 27.36 5.50 0.83
N GLU A 38 28.59 5.58 1.32
CA GLU A 38 29.13 4.54 2.19
C GLU A 38 28.36 4.41 3.50
N ILE A 39 28.04 5.53 4.13
CA ILE A 39 27.28 5.48 5.37
C ILE A 39 25.88 4.91 5.11
N TRP A 40 25.23 5.31 4.01
CA TRP A 40 23.90 4.76 3.74
C TRP A 40 23.97 3.29 3.43
N SER A 41 24.99 2.85 2.68
CA SER A 41 25.16 1.41 2.42
C SER A 41 25.26 0.60 3.72
N ASN A 42 26.03 1.09 4.67
CA ASN A 42 26.20 0.42 5.99
C ASN A 42 24.88 0.35 6.79
N ARG A 43 24.12 1.44 6.77
CA ARG A 43 22.80 1.45 7.43
C ARG A 43 21.81 0.46 6.77
N ILE A 44 21.85 0.35 5.45
CA ILE A 44 21.00 -0.58 4.75
C ILE A 44 21.36 -2.02 5.16
N GLU A 45 22.65 -2.33 5.17
CA GLU A 45 23.11 -3.66 5.57
C GLU A 45 22.58 -4.07 6.95
N ARG A 46 22.46 -3.09 7.84
CA ARG A 46 22.05 -3.33 9.22
C ARG A 46 20.52 -3.34 9.44
N GLY A 47 19.72 -3.10 8.39
CA GLY A 47 18.27 -3.11 8.49
C GLY A 47 17.65 -1.81 8.95
N LEU A 48 18.42 -0.72 8.93
CA LEU A 48 17.95 0.58 9.43
C LEU A 48 17.19 1.42 8.42
N VAL A 49 17.12 0.96 7.16
CA VAL A 49 16.44 1.67 6.08
C VAL A 49 15.33 0.79 5.55
N HIS A 50 14.08 1.16 5.84
CA HIS A 50 12.90 0.38 5.47
C HIS A 50 12.34 0.98 4.15
N ILE A 51 11.44 0.23 3.50
CA ILE A 51 10.78 0.65 2.25
C ILE A 51 9.31 0.23 2.28
N THR A 52 8.42 1.02 1.66
CA THR A 52 6.99 0.65 1.60
C THR A 52 6.64 -0.32 0.48
N GLY A 53 5.51 -0.98 0.63
CA GLY A 53 4.93 -1.76 -0.46
C GLY A 53 4.62 -0.91 -1.66
N VAL A 54 4.11 0.30 -1.48
CA VAL A 54 3.86 1.19 -2.62
C VAL A 54 5.13 1.53 -3.39
N THR A 55 6.24 1.81 -2.70
CA THR A 55 7.48 2.12 -3.40
C THR A 55 7.96 0.89 -4.17
N ARG A 56 7.74 -0.31 -3.66
CA ARG A 56 8.13 -1.51 -4.42
C ARG A 56 7.32 -1.58 -5.73
N LEU A 57 6.03 -1.24 -5.68
CA LEU A 57 5.22 -1.20 -6.91
C LEU A 57 5.73 -0.13 -7.92
N GLU A 58 6.29 0.97 -7.40
CA GLU A 58 6.90 1.99 -8.27
C GLU A 58 8.18 1.43 -8.94
N VAL A 59 9.01 0.73 -8.19
CA VAL A 59 10.20 0.03 -8.74
C VAL A 59 9.76 -0.92 -9.85
N GLY A 60 8.73 -1.73 -9.60
CA GLY A 60 8.27 -2.66 -10.61
C GLY A 60 7.72 -1.99 -11.85
N PHE A 61 7.03 -0.86 -11.66
CA PHE A 61 6.45 -0.14 -12.81
C PHE A 61 7.57 0.33 -13.72
N SER A 62 8.68 0.75 -13.14
N SER A 62 8.68 0.72 -13.10
CA SER A 62 9.79 1.33 -13.91
CA SER A 62 9.84 1.37 -13.76
C SER A 62 10.65 0.28 -14.59
C SER A 62 10.80 0.36 -14.42
N ALA A 63 10.73 -0.91 -14.03
CA ALA A 63 11.58 -1.97 -14.61
C ALA A 63 11.16 -2.27 -16.05
N GLU A 64 12.13 -2.55 -16.91
CA GLU A 64 11.83 -2.80 -18.33
CA GLU A 64 11.84 -2.81 -18.33
C GLU A 64 11.09 -4.11 -18.58
N CYS A 65 11.32 -5.12 -17.75
CA CYS A 65 10.62 -6.39 -17.88
C CYS A 65 10.57 -7.14 -16.56
N GLY A 66 9.87 -8.26 -16.54
CA GLY A 66 9.66 -9.05 -15.33
C GLY A 66 10.95 -9.66 -14.77
N GLU A 67 11.86 -10.05 -15.65
CA GLU A 67 13.16 -10.60 -15.25
C GLU A 67 13.96 -9.59 -14.45
N ILE A 68 14.02 -8.37 -14.95
CA ILE A 68 14.74 -7.31 -14.29
C ILE A 68 14.08 -6.95 -12.93
N ALA A 69 12.74 -6.89 -12.88
CA ALA A 69 12.08 -6.62 -11.60
C ALA A 69 12.39 -7.66 -10.54
N ARG A 70 12.32 -8.94 -10.92
CA ARG A 70 12.60 -10.03 -9.97
C ARG A 70 14.02 -9.91 -9.44
N ARG A 71 14.93 -9.57 -10.32
CA ARG A 71 16.34 -9.41 -9.94
C ARG A 71 16.53 -8.28 -8.96
N GLU A 72 15.91 -7.15 -9.24
CA GLU A 72 16.04 -6.04 -8.31
C GLU A 72 15.53 -6.37 -6.92
N PHE A 73 14.41 -7.07 -6.80
CA PHE A 73 13.90 -7.40 -5.48
C PHE A 73 14.75 -8.45 -4.72
N ARG A 74 15.50 -9.28 -5.42
CA ARG A 74 16.26 -10.31 -4.70
C ARG A 74 17.72 -9.95 -4.46
N GLU A 75 18.20 -8.86 -5.06
CA GLU A 75 19.59 -8.41 -4.89
C GLU A 75 19.67 -7.19 -3.97
N PRO A 76 20.85 -6.93 -3.38
CA PRO A 76 20.98 -5.69 -2.61
C PRO A 76 20.90 -4.49 -3.56
N PRO A 77 20.37 -3.35 -3.09
CA PRO A 77 19.99 -3.05 -1.72
C PRO A 77 18.57 -3.44 -1.32
N LEU A 78 17.64 -3.66 -2.26
CA LEU A 78 16.24 -3.92 -1.89
C LEU A 78 16.08 -5.20 -1.03
N SER A 79 16.90 -6.20 -1.24
CA SER A 79 16.76 -7.43 -0.45
C SER A 79 17.04 -7.20 1.03
N ALA A 80 17.71 -6.10 1.36
CA ALA A 80 18.14 -5.79 2.72
C ALA A 80 17.23 -4.76 3.39
N MET A 81 16.17 -4.32 2.72
CA MET A 81 15.27 -3.30 3.27
C MET A 81 13.95 -3.89 3.78
N PRO A 82 13.73 -3.88 5.10
CA PRO A 82 12.45 -4.41 5.61
C PRO A 82 11.26 -3.64 5.05
N VAL A 83 10.16 -4.34 4.76
CA VAL A 83 8.97 -3.73 4.14
C VAL A 83 8.00 -3.25 5.20
N GLU A 84 7.56 -1.99 5.06
CA GLU A 84 6.55 -1.39 5.92
C GLU A 84 5.23 -1.31 5.14
N TYR A 85 4.24 -2.05 5.59
CA TYR A 85 2.93 -2.17 4.97
C TYR A 85 1.94 -1.16 5.56
N LEU A 86 0.92 -0.85 4.79
CA LEU A 86 -0.14 0.08 5.21
C LEU A 86 -1.04 -0.55 6.26
N THR A 87 -1.66 0.33 7.05
CA THR A 87 -2.73 -0.04 8.00
C THR A 87 -3.88 0.94 7.80
N PRO A 88 -5.08 0.63 8.32
CA PRO A 88 -6.18 1.59 8.25
C PRO A 88 -5.85 2.97 8.83
N ARG A 89 -5.12 3.00 9.96
CA ARG A 89 -4.77 4.28 10.59
C ARG A 89 -3.87 5.08 9.64
N ILE A 90 -2.92 4.42 8.97
CA ILE A 90 -2.03 5.14 8.05
C ILE A 90 -2.82 5.68 6.84
N GLU A 91 -3.70 4.85 6.23
CA GLU A 91 -4.45 5.30 5.05
C GLU A 91 -5.36 6.47 5.43
N ASP A 92 -5.99 6.42 6.60
CA ASP A 92 -6.82 7.53 7.03
C ASP A 92 -5.96 8.80 7.28
N ARG A 93 -4.78 8.64 7.89
CA ARG A 93 -3.90 9.81 8.15
C ARG A 93 -3.45 10.48 6.85
N ALA A 94 -3.12 9.67 5.84
CA ALA A 94 -2.78 10.24 4.53
C ALA A 94 -3.91 11.12 3.99
N LEU A 95 -5.15 10.63 4.10
CA LEU A 95 -6.30 11.36 3.62
C LEU A 95 -6.49 12.65 4.43
N GLU A 96 -6.34 12.59 5.76
CA GLU A 96 -6.42 13.80 6.62
C GLU A 96 -5.39 14.83 6.22
N VAL A 97 -4.15 14.41 6.01
CA VAL A 97 -3.09 15.34 5.59
C VAL A 97 -3.37 15.95 4.20
N GLN A 98 -3.87 15.13 3.27
CA GLN A 98 -4.22 15.61 1.97
C GLN A 98 -5.26 16.75 2.07
N THR A 99 -6.28 16.56 2.93
CA THR A 99 -7.32 17.55 3.08
C THR A 99 -6.77 18.87 3.69
N LEU A 100 -5.82 18.77 4.62
CA LEU A 100 -5.15 19.97 5.16
C LEU A 100 -4.37 20.70 4.07
N LEU A 101 -3.66 19.96 3.22
CA LEU A 101 -2.98 20.60 2.09
C LEU A 101 -3.98 21.29 1.17
N ALA A 102 -5.11 20.62 0.90
CA ALA A 102 -6.12 21.16 0.02
C ALA A 102 -6.76 22.44 0.55
N ASP A 103 -6.85 22.58 1.87
CA ASP A 103 -7.33 23.84 2.49
C ASP A 103 -6.42 25.04 2.12
N ARG A 104 -5.12 24.72 1.93
CA ARG A 104 -4.10 25.76 1.68
C ARG A 104 -3.77 25.94 0.20
N GLY A 105 -4.43 25.16 -0.64
CA GLY A 105 -4.22 25.22 -2.08
C GLY A 105 -3.01 24.44 -2.57
N HIS A 106 -2.60 23.44 -1.82
CA HIS A 106 -1.32 22.76 -2.08
C HIS A 106 -1.43 21.28 -2.30
N HIS A 107 -2.63 20.72 -2.40
CA HIS A 107 -2.76 19.28 -2.49
C HIS A 107 -2.51 18.61 -3.85
N ARG A 108 -2.23 19.38 -4.88
CA ARG A 108 -1.82 18.75 -6.13
C ARG A 108 -0.31 18.80 -6.31
N GLY A 109 0.38 19.22 -5.25
CA GLY A 109 1.83 19.16 -5.15
C GLY A 109 2.20 17.72 -4.78
N PRO A 110 2.13 17.37 -3.48
CA PRO A 110 2.38 16.00 -3.08
C PRO A 110 1.45 14.96 -3.71
N SER A 111 2.04 13.92 -4.25
CA SER A 111 1.29 12.82 -4.85
C SER A 111 0.70 11.87 -3.79
N ILE A 112 -0.15 10.95 -4.26
CA ILE A 112 -0.70 9.94 -3.37
C ILE A 112 0.43 9.09 -2.74
N PRO A 113 1.40 8.58 -3.54
CA PRO A 113 2.52 7.89 -2.91
C PRO A 113 3.24 8.76 -1.84
N ASP A 114 3.47 10.06 -2.11
CA ASP A 114 4.18 10.90 -1.14
C ASP A 114 3.40 10.90 0.18
N LEU A 115 2.06 11.06 0.07
CA LEU A 115 1.22 11.06 1.29
C LEU A 115 1.28 9.73 2.06
N LEU A 116 1.21 8.63 1.31
CA LEU A 116 1.20 7.31 1.94
C LEU A 116 2.59 7.04 2.60
N ILE A 117 3.69 7.39 1.95
CA ILE A 117 5.04 7.20 2.56
C ILE A 117 5.18 8.07 3.79
N ALA A 118 4.78 9.35 3.70
CA ALA A 118 4.91 10.21 4.86
C ALA A 118 4.08 9.70 6.05
N ALA A 119 2.83 9.29 5.79
CA ALA A 119 1.98 8.83 6.92
C ALA A 119 2.51 7.51 7.51
N THR A 120 3.05 6.64 6.64
CA THR A 120 3.67 5.40 7.16
C THR A 120 4.82 5.73 8.08
N ALA A 121 5.69 6.64 7.66
CA ALA A 121 6.80 7.02 8.51
C ALA A 121 6.35 7.64 9.82
N GLU A 122 5.37 8.53 9.74
CA GLU A 122 4.88 9.25 10.93
C GLU A 122 4.36 8.29 11.97
N LEU A 123 3.56 7.31 11.55
CA LEU A 123 2.90 6.44 12.51
C LEU A 123 3.72 5.21 12.90
N SER A 124 4.74 4.89 12.13
CA SER A 124 5.59 3.70 12.39
C SER A 124 6.95 4.08 12.95
N GLY A 125 7.20 5.36 13.23
CA GLY A 125 8.39 5.77 13.94
C GLY A 125 9.65 5.79 13.12
N LEU A 126 9.54 6.29 11.89
CA LEU A 126 10.68 6.39 10.97
C LEU A 126 10.84 7.83 10.44
N THR A 127 12.07 8.16 10.05
CA THR A 127 12.41 9.42 9.38
C THR A 127 12.31 9.21 7.85
N VAL A 128 11.53 10.02 7.13
CA VAL A 128 11.49 9.92 5.68
C VAL A 128 12.82 10.38 5.07
N LEU A 129 13.46 9.55 4.23
CA LEU A 129 14.67 9.92 3.49
C LEU A 129 14.29 10.14 2.03
N HIS A 130 14.56 11.34 1.50
CA HIS A 130 14.01 11.76 0.23
C HIS A 130 14.88 12.76 -0.50
N VAL A 131 14.55 13.02 -1.77
CA VAL A 131 14.97 14.22 -2.51
C VAL A 131 13.72 14.78 -3.23
N ASP A 132 12.77 15.31 -2.45
CA ASP A 132 11.46 15.77 -2.97
C ASP A 132 10.87 16.80 -2.01
N LYS A 133 10.84 18.05 -2.43
CA LYS A 133 10.34 19.11 -1.56
C LYS A 133 8.90 18.91 -1.10
N ASP A 134 8.12 18.07 -1.77
CA ASP A 134 6.78 17.80 -1.27
C ASP A 134 6.80 17.25 0.16
N PHE A 135 7.86 16.54 0.56
CA PHE A 135 7.92 16.05 1.97
C PHE A 135 8.12 17.19 2.97
N ASP A 136 8.73 18.28 2.53
CA ASP A 136 8.84 19.47 3.39
C ASP A 136 7.46 20.12 3.57
N ALA A 137 6.61 20.14 2.52
CA ALA A 137 5.27 20.66 2.62
C ALA A 137 4.43 19.83 3.59
N ILE A 138 4.51 18.50 3.49
CA ILE A 138 3.78 17.66 4.40
C ILE A 138 4.28 17.87 5.86
N ALA A 139 5.58 17.89 6.06
CA ALA A 139 6.16 18.01 7.42
C ALA A 139 5.78 19.32 8.08
N ALA A 140 5.56 20.38 7.28
CA ALA A 140 5.12 21.67 7.84
C ALA A 140 3.72 21.59 8.41
N LEU A 141 2.95 20.60 8.00
CA LEU A 141 1.64 20.31 8.61
C LEU A 141 1.66 19.30 9.76
N THR A 142 2.52 18.29 9.66
CA THR A 142 2.49 17.19 10.62
C THR A 142 3.51 17.33 11.75
N GLY A 143 4.56 18.12 11.53
CA GLY A 143 5.70 18.18 12.45
C GLY A 143 6.66 16.98 12.51
N GLN A 144 6.49 16.07 11.55
CA GLN A 144 7.29 14.84 11.53
C GLN A 144 8.70 15.10 11.04
N LYS A 145 9.59 14.13 11.32
CA LYS A 145 11.03 14.26 10.98
C LYS A 145 11.28 13.79 9.56
N THR A 146 11.98 14.66 8.80
CA THR A 146 12.40 14.25 7.48
C THR A 146 13.91 14.57 7.26
N GLU A 147 14.52 13.87 6.32
CA GLU A 147 15.93 14.05 5.98
C GLU A 147 16.14 14.01 4.46
N ARG A 148 16.78 15.03 3.91
CA ARG A 148 17.11 15.11 2.51
C ARG A 148 18.47 14.46 2.26
N LEU A 149 18.49 13.48 1.35
CA LEU A 149 19.74 12.82 0.91
C LEU A 149 20.66 13.82 0.21
N THR A 150 21.94 13.81 0.59
CA THR A 150 22.93 14.67 -0.08
C THR A 150 23.23 14.00 -1.42
N HIS A 151 23.30 14.76 -2.50
CA HIS A 151 23.65 14.09 -3.76
C HIS A 151 24.23 15.06 -4.79
N ARG A 152 25.05 14.52 -5.69
CA ARG A 152 25.84 15.31 -6.63
C ARG A 152 25.26 15.27 -8.04
N THR B 17 -29.19 -10.79 -4.26
CA THR B 17 -28.20 -11.87 -4.54
C THR B 17 -27.00 -11.73 -3.60
N ASP B 18 -26.07 -12.67 -3.68
CA ASP B 18 -24.91 -12.60 -2.82
C ASP B 18 -23.86 -11.61 -3.35
N GLN B 19 -24.04 -11.04 -4.54
CA GLN B 19 -22.94 -10.29 -5.19
C GLN B 19 -22.69 -8.95 -4.52
N ARG B 20 -21.41 -8.62 -4.36
CA ARG B 20 -20.95 -7.34 -3.83
C ARG B 20 -19.88 -6.80 -4.77
N TRP B 21 -19.75 -5.49 -4.83
CA TRP B 21 -18.87 -4.81 -5.79
C TRP B 21 -17.84 -3.94 -5.02
N LEU B 22 -16.72 -3.68 -5.70
CA LEU B 22 -15.69 -2.73 -5.28
C LEU B 22 -15.62 -1.71 -6.41
N ILE B 23 -15.96 -0.45 -6.13
CA ILE B 23 -16.10 0.56 -7.19
C ILE B 23 -14.77 1.27 -7.45
N ASP B 24 -14.33 1.23 -8.71
CA ASP B 24 -13.14 1.96 -9.14
C ASP B 24 -13.47 3.43 -9.45
N LYS B 25 -12.46 4.31 -9.41
CA LYS B 25 -12.69 5.71 -9.78
C LYS B 25 -13.37 5.89 -11.12
N SER B 26 -13.07 5.00 -12.09
CA SER B 26 -13.56 5.13 -13.46
C SER B 26 -15.06 4.95 -13.54
N ALA B 27 -15.62 4.13 -12.66
CA ALA B 27 -17.10 3.98 -12.59
C ALA B 27 -17.70 5.06 -11.67
N LEU B 28 -17.02 5.40 -10.57
CA LEU B 28 -17.57 6.38 -9.63
C LEU B 28 -17.93 7.71 -10.32
N VAL B 29 -17.07 8.19 -11.19
CA VAL B 29 -17.27 9.48 -11.84
C VAL B 29 -18.29 9.39 -12.99
N ARG B 30 -18.66 8.19 -13.43
CA ARG B 30 -19.57 7.98 -14.57
C ARG B 30 -20.95 7.46 -14.17
N LEU B 31 -21.21 7.21 -12.89
CA LEU B 31 -22.53 6.66 -12.46
C LEU B 31 -23.69 7.54 -12.96
N THR B 32 -23.57 8.85 -12.81
CA THR B 32 -24.71 9.72 -13.06
C THR B 32 -25.06 9.63 -14.52
N ASP B 33 -24.14 9.26 -15.45
CA ASP B 33 -24.39 9.15 -16.93
C ASP B 33 -24.70 7.74 -17.43
N SER B 34 -24.90 6.81 -16.51
CA SER B 34 -25.26 5.44 -16.89
C SER B 34 -26.78 5.29 -16.97
N PRO B 35 -27.27 4.48 -17.93
CA PRO B 35 -28.67 4.11 -17.90
C PRO B 35 -29.10 3.33 -16.67
N ASP B 36 -28.14 2.75 -15.97
CA ASP B 36 -28.36 1.99 -14.73
C ASP B 36 -28.10 2.85 -13.46
N MET B 37 -28.07 4.18 -13.60
CA MET B 37 -27.83 5.07 -12.46
C MET B 37 -28.70 4.69 -11.25
N GLU B 38 -30.00 4.57 -11.44
CA GLU B 38 -30.90 4.38 -10.30
C GLU B 38 -30.69 3.03 -9.62
N ILE B 39 -30.46 1.99 -10.42
CA ILE B 39 -30.13 0.68 -9.88
C ILE B 39 -28.87 0.77 -8.99
N TRP B 40 -27.85 1.48 -9.47
CA TRP B 40 -26.63 1.59 -8.70
C TRP B 40 -26.88 2.42 -7.43
N SER B 41 -27.68 3.49 -7.50
CA SER B 41 -28.01 4.26 -6.27
C SER B 41 -28.61 3.32 -5.21
N ASN B 42 -29.48 2.41 -5.65
CA ASN B 42 -30.17 1.52 -4.74
C ASN B 42 -29.18 0.50 -4.12
N ARG B 43 -28.27 -0.04 -4.95
CA ARG B 43 -27.28 -0.98 -4.45
C ARG B 43 -26.31 -0.30 -3.46
N ILE B 44 -25.92 0.94 -3.73
CA ILE B 44 -25.06 1.69 -2.78
C ILE B 44 -25.80 1.86 -1.46
N GLU B 45 -27.07 2.27 -1.52
CA GLU B 45 -27.90 2.40 -0.32
C GLU B 45 -27.96 1.10 0.51
N ARG B 46 -28.03 -0.04 -0.18
CA ARG B 46 -28.09 -1.33 0.50
C ARG B 46 -26.74 -1.83 1.02
N GLY B 47 -25.66 -1.09 0.82
CA GLY B 47 -24.37 -1.47 1.36
C GLY B 47 -23.61 -2.48 0.55
N LEU B 48 -23.99 -2.64 -0.72
CA LEU B 48 -23.41 -3.65 -1.60
C LEU B 48 -22.21 -3.19 -2.41
N VAL B 49 -21.88 -1.89 -2.35
CA VAL B 49 -20.81 -1.30 -3.16
C VAL B 49 -19.77 -0.70 -2.21
N HIS B 50 -18.61 -1.35 -2.15
CA HIS B 50 -17.48 -0.97 -1.29
C HIS B 50 -16.52 -0.07 -2.05
N ILE B 51 -15.65 0.62 -1.31
CA ILE B 51 -14.67 1.55 -1.89
C ILE B 51 -13.36 1.38 -1.13
N THR B 52 -12.22 1.51 -1.80
CA THR B 52 -10.94 1.42 -1.12
C THR B 52 -10.45 2.75 -0.51
N GLY B 53 -9.55 2.63 0.48
CA GLY B 53 -8.82 3.82 0.95
C GLY B 53 -8.04 4.51 -0.14
N VAL B 54 -7.42 3.76 -1.07
CA VAL B 54 -6.71 4.37 -2.20
C VAL B 54 -7.66 5.20 -3.08
N THR B 55 -8.85 4.67 -3.40
CA THR B 55 -9.81 5.44 -4.22
C THR B 55 -10.31 6.70 -3.48
N ARG B 56 -10.41 6.66 -2.15
CA ARG B 56 -10.78 7.83 -1.35
C ARG B 56 -9.69 8.89 -1.53
N LEU B 57 -8.41 8.52 -1.53
CA LEU B 57 -7.32 9.48 -1.79
C LEU B 57 -7.40 10.10 -3.19
N GLU B 58 -7.84 9.28 -4.16
CA GLU B 58 -8.05 9.80 -5.53
C GLU B 58 -9.21 10.83 -5.56
N VAL B 59 -10.30 10.54 -4.86
CA VAL B 59 -11.40 11.52 -4.67
C VAL B 59 -10.86 12.81 -4.07
N GLY B 60 -10.04 12.75 -3.03
CA GLY B 60 -9.50 13.96 -2.41
C GLY B 60 -8.60 14.75 -3.36
N PHE B 61 -7.80 14.02 -4.15
CA PHE B 61 -6.91 14.69 -5.12
C PHE B 61 -7.73 15.46 -6.14
N SER B 62 -8.83 14.84 -6.60
CA SER B 62 -9.68 15.46 -7.64
C SER B 62 -10.46 16.67 -7.14
N ALA B 63 -10.79 16.71 -5.86
CA ALA B 63 -11.60 17.82 -5.29
C ALA B 63 -10.84 19.14 -5.40
N GLU B 64 -11.54 20.24 -5.64
CA GLU B 64 -10.87 21.54 -5.84
C GLU B 64 -10.35 22.14 -4.54
N CYS B 65 -10.99 21.82 -3.42
CA CYS B 65 -10.51 22.29 -2.13
CA CYS B 65 -10.73 22.43 -2.12
C CYS B 65 -10.95 21.35 -1.02
N GLY B 66 -10.35 21.52 0.16
CA GLY B 66 -10.53 20.58 1.26
C GLY B 66 -11.97 20.50 1.78
N GLU B 67 -12.67 21.62 1.82
CA GLU B 67 -14.05 21.61 2.27
C GLU B 67 -14.97 20.84 1.33
N ILE B 68 -14.70 20.86 0.03
CA ILE B 68 -15.49 20.09 -0.92
C ILE B 68 -15.25 18.59 -0.65
N ALA B 69 -14.01 18.19 -0.44
CA ALA B 69 -13.72 16.81 -0.05
C ALA B 69 -14.41 16.39 1.22
N ARG B 70 -14.29 17.19 2.28
CA ARG B 70 -14.95 16.84 3.53
C ARG B 70 -16.45 16.65 3.34
N ARG B 71 -17.07 17.49 2.56
CA ARG B 71 -18.50 17.32 2.24
C ARG B 71 -18.83 16.01 1.56
N GLU B 72 -18.07 15.68 0.53
CA GLU B 72 -18.34 14.42 -0.13
C GLU B 72 -18.20 13.24 0.80
N PHE B 73 -17.19 13.23 1.66
CA PHE B 73 -17.02 12.05 2.51
C PHE B 73 -18.11 11.92 3.58
N ARG B 74 -18.75 13.02 3.97
CA ARG B 74 -19.80 12.94 4.97
C ARG B 74 -21.21 12.77 4.44
N GLU B 75 -21.37 12.78 3.10
CA GLU B 75 -22.66 12.65 2.45
C GLU B 75 -22.79 11.41 1.59
N PRO B 76 -24.02 10.97 1.29
CA PRO B 76 -24.20 9.91 0.25
C PRO B 76 -23.76 10.48 -1.10
N PRO B 77 -23.24 9.65 -2.01
CA PRO B 77 -23.08 8.20 -1.86
C PRO B 77 -21.88 7.72 -1.05
N LEU B 78 -20.81 8.51 -0.90
CA LEU B 78 -19.60 7.95 -0.34
C LEU B 78 -19.81 7.49 1.08
N SER B 79 -20.63 8.19 1.88
CA SER B 79 -20.76 7.76 3.26
C SER B 79 -21.43 6.38 3.44
N ALA B 80 -22.14 5.90 2.41
CA ALA B 80 -22.85 4.65 2.39
C ALA B 80 -22.00 3.49 1.86
N MET B 81 -20.74 3.75 1.46
CA MET B 81 -19.89 2.68 0.88
C MET B 81 -18.92 2.13 1.92
N PRO B 82 -19.05 0.85 2.28
CA PRO B 82 -18.09 0.22 3.22
C PRO B 82 -16.66 0.39 2.70
N VAL B 83 -15.74 0.78 3.58
CA VAL B 83 -14.35 1.07 3.19
C VAL B 83 -13.49 -0.22 3.33
N GLU B 84 -12.73 -0.54 2.26
CA GLU B 84 -11.81 -1.68 2.25
C GLU B 84 -10.38 -1.17 2.29
N TYR B 85 -9.72 -1.40 3.41
CA TYR B 85 -8.32 -1.03 3.60
C TYR B 85 -7.39 -2.15 3.18
N LEU B 86 -6.17 -1.79 2.81
CA LEU B 86 -5.19 -2.79 2.40
C LEU B 86 -4.73 -3.70 3.52
N THR B 87 -4.16 -4.83 3.14
CA THR B 87 -3.46 -5.76 4.06
C THR B 87 -2.13 -6.15 3.40
N PRO B 88 -1.17 -6.74 4.14
CA PRO B 88 0.10 -7.04 3.53
C PRO B 88 0.00 -8.05 2.38
N ARG B 89 -0.88 -9.04 2.48
CA ARG B 89 -1.10 -9.98 1.43
C ARG B 89 -1.69 -9.35 0.17
N ILE B 90 -2.57 -8.34 0.31
CA ILE B 90 -3.09 -7.63 -0.86
C ILE B 90 -1.93 -6.87 -1.55
N GLU B 91 -1.13 -6.14 -0.75
CA GLU B 91 0.00 -5.39 -1.35
C GLU B 91 0.96 -6.33 -2.07
N ASP B 92 1.30 -7.48 -1.47
CA ASP B 92 2.17 -8.43 -2.13
C ASP B 92 1.52 -9.01 -3.41
N ARG B 93 0.22 -9.28 -3.38
CA ARG B 93 -0.48 -9.77 -4.56
C ARG B 93 -0.43 -8.80 -5.71
N ALA B 94 -0.66 -7.52 -5.42
CA ALA B 94 -0.56 -6.51 -6.48
C ALA B 94 0.81 -6.55 -7.16
N LEU B 95 1.87 -6.72 -6.38
CA LEU B 95 3.21 -6.81 -6.94
C LEU B 95 3.43 -8.07 -7.75
N GLU B 96 2.92 -9.19 -7.26
CA GLU B 96 2.98 -10.43 -8.03
C GLU B 96 2.27 -10.30 -9.38
N VAL B 97 1.05 -9.77 -9.36
CA VAL B 97 0.30 -9.57 -10.61
C VAL B 97 1.06 -8.65 -11.56
N GLN B 98 1.61 -7.53 -11.04
CA GLN B 98 2.40 -6.65 -11.87
C GLN B 98 3.54 -7.38 -12.58
N THR B 99 4.23 -8.25 -11.84
CA THR B 99 5.41 -8.95 -12.36
C THR B 99 4.99 -9.99 -13.41
N LEU B 100 3.89 -10.70 -13.15
CA LEU B 100 3.34 -11.68 -14.11
C LEU B 100 2.87 -11.00 -15.41
N LEU B 101 2.28 -9.81 -15.27
CA LEU B 101 1.91 -9.07 -16.48
C LEU B 101 3.14 -8.61 -17.23
N ALA B 102 4.22 -8.26 -16.54
CA ALA B 102 5.47 -7.87 -17.18
C ALA B 102 6.04 -9.06 -17.97
N ASP B 103 5.83 -10.29 -17.49
CA ASP B 103 6.32 -11.52 -18.20
C ASP B 103 5.57 -11.68 -19.52
N ARG B 104 4.34 -11.18 -19.57
CA ARG B 104 3.46 -11.30 -20.73
C ARG B 104 3.48 -10.03 -21.57
N GLY B 105 4.52 -9.21 -21.38
CA GLY B 105 4.74 -8.07 -22.25
C GLY B 105 4.05 -6.77 -21.89
N HIS B 106 3.41 -6.64 -20.72
CA HIS B 106 2.89 -5.34 -20.35
C HIS B 106 4.02 -4.40 -19.93
N HIS B 107 3.92 -3.16 -20.38
CA HIS B 107 4.96 -2.18 -20.16
C HIS B 107 4.32 -0.88 -19.70
N ARG B 108 4.80 -0.34 -18.58
CA ARG B 108 4.27 0.92 -18.04
C ARG B 108 2.75 0.85 -17.88
N GLY B 109 2.30 -0.25 -17.34
CA GLY B 109 0.89 -0.35 -16.92
C GLY B 109 0.63 -1.81 -16.66
N PRO B 110 -0.57 -2.15 -16.12
CA PRO B 110 -1.71 -1.30 -15.63
C PRO B 110 -1.20 -0.35 -14.54
N SER B 111 -1.98 0.65 -14.15
CA SER B 111 -1.53 1.59 -13.14
C SER B 111 -1.47 0.93 -11.75
N ILE B 112 -0.69 1.56 -10.87
CA ILE B 112 -0.60 1.13 -9.46
C ILE B 112 -1.98 1.08 -8.79
N PRO B 113 -2.83 2.14 -8.91
CA PRO B 113 -4.15 2.00 -8.28
C PRO B 113 -4.98 0.86 -8.89
N ASP B 114 -4.90 0.63 -10.18
CA ASP B 114 -5.68 -0.46 -10.79
C ASP B 114 -5.23 -1.81 -10.15
N LEU B 115 -3.90 -2.01 -10.01
CA LEU B 115 -3.40 -3.25 -9.38
C LEU B 115 -3.86 -3.41 -7.92
N LEU B 116 -3.85 -2.31 -7.16
CA LEU B 116 -4.27 -2.37 -5.76
C LEU B 116 -5.77 -2.60 -5.63
N ILE B 117 -6.61 -1.95 -6.43
CA ILE B 117 -8.07 -2.17 -6.41
C ILE B 117 -8.37 -3.61 -6.85
N ALA B 118 -7.72 -4.11 -7.91
CA ALA B 118 -8.01 -5.45 -8.34
C ALA B 118 -7.58 -6.47 -7.30
N ALA B 119 -6.41 -6.31 -6.66
CA ALA B 119 -5.99 -7.29 -5.68
C ALA B 119 -6.86 -7.26 -4.44
N THR B 120 -7.33 -6.07 -4.04
CA THR B 120 -8.25 -5.99 -2.92
C THR B 120 -9.53 -6.79 -3.22
N ALA B 121 -10.10 -6.55 -4.41
CA ALA B 121 -11.33 -7.24 -4.80
C ALA B 121 -11.14 -8.76 -4.90
N GLU B 122 -10.00 -9.16 -5.46
CA GLU B 122 -9.69 -10.61 -5.63
C GLU B 122 -9.66 -11.32 -4.30
N LEU B 123 -8.93 -10.78 -3.33
CA LEU B 123 -8.75 -11.49 -2.04
C LEU B 123 -9.93 -11.32 -1.11
N SER B 124 -10.80 -10.32 -1.38
CA SER B 124 -12.01 -10.06 -0.55
C SER B 124 -13.28 -10.64 -1.14
N GLY B 125 -13.26 -11.19 -2.34
CA GLY B 125 -14.46 -11.76 -2.94
C GLY B 125 -15.47 -10.72 -3.42
N LEU B 126 -14.96 -9.65 -4.00
CA LEU B 126 -15.78 -8.56 -4.55
C LEU B 126 -15.60 -8.45 -6.05
N THR B 127 -16.65 -8.03 -6.77
CA THR B 127 -16.58 -7.79 -8.24
C THR B 127 -16.10 -6.38 -8.50
N VAL B 128 -15.03 -6.18 -9.29
CA VAL B 128 -14.60 -4.83 -9.59
C VAL B 128 -15.59 -4.14 -10.54
N LEU B 129 -16.14 -2.98 -10.20
CA LEU B 129 -17.02 -2.19 -11.05
C LEU B 129 -16.22 -1.04 -11.62
N HIS B 130 -16.17 -0.96 -12.95
CA HIS B 130 -15.18 -0.06 -13.61
C HIS B 130 -15.66 0.43 -14.97
N VAL B 131 -14.93 1.41 -15.51
CA VAL B 131 -14.91 1.74 -16.96
C VAL B 131 -13.42 1.90 -17.36
N ASP B 132 -12.66 0.79 -17.34
CA ASP B 132 -11.21 0.81 -17.62
C ASP B 132 -10.77 -0.55 -18.14
N LYS B 133 -10.41 -0.61 -19.41
CA LYS B 133 -9.99 -1.85 -20.04
C LYS B 133 -8.79 -2.51 -19.39
N ASP B 134 -7.97 -1.80 -18.61
CA ASP B 134 -6.89 -2.48 -17.93
C ASP B 134 -7.32 -3.51 -16.92
N PHE B 135 -8.57 -3.48 -16.42
CA PHE B 135 -9.05 -4.56 -15.55
C PHE B 135 -9.23 -5.86 -16.37
N ASP B 136 -9.45 -5.77 -17.68
CA ASP B 136 -9.41 -6.99 -18.51
C ASP B 136 -8.02 -7.58 -18.60
N ALA B 137 -7.00 -6.73 -18.68
CA ALA B 137 -5.63 -7.21 -18.73
C ALA B 137 -5.27 -7.97 -17.43
N ILE B 138 -5.70 -7.43 -16.28
CA ILE B 138 -5.46 -8.11 -15.01
C ILE B 138 -6.26 -9.42 -14.92
N ALA B 139 -7.54 -9.40 -15.30
CA ALA B 139 -8.34 -10.60 -15.23
C ALA B 139 -7.89 -11.69 -16.18
N ALA B 140 -7.16 -11.36 -17.27
CA ALA B 140 -6.58 -12.40 -18.10
C ALA B 140 -5.59 -13.27 -17.33
N LEU B 141 -4.97 -12.73 -16.29
CA LEU B 141 -4.10 -13.49 -15.41
CA LEU B 141 -4.08 -13.46 -15.40
C LEU B 141 -4.81 -14.05 -14.19
N THR B 142 -5.69 -13.28 -13.55
CA THR B 142 -6.25 -13.68 -12.26
C THR B 142 -7.58 -14.42 -12.35
N GLY B 143 -8.28 -14.29 -13.47
CA GLY B 143 -9.60 -14.86 -13.62
C GLY B 143 -10.70 -14.27 -12.77
N GLN B 144 -10.44 -13.11 -12.15
CA GLN B 144 -11.38 -12.54 -11.20
C GLN B 144 -12.62 -11.90 -11.83
N LYS B 145 -13.68 -11.74 -11.05
CA LYS B 145 -14.92 -11.15 -11.58
C LYS B 145 -14.84 -9.63 -11.72
N THR B 146 -15.31 -9.15 -12.86
CA THR B 146 -15.36 -7.74 -13.18
C THR B 146 -16.68 -7.39 -13.82
N GLU B 147 -17.09 -6.12 -13.68
CA GLU B 147 -18.31 -5.61 -14.32
C GLU B 147 -18.06 -4.21 -14.82
N ARG B 148 -18.29 -4.02 -16.13
CA ARG B 148 -18.21 -2.70 -16.76
C ARG B 148 -19.54 -1.97 -16.64
N LEU B 149 -19.49 -0.78 -16.08
CA LEU B 149 -20.66 0.10 -15.95
C LEU B 149 -21.22 0.44 -17.33
N THR B 150 -22.55 0.34 -17.47
CA THR B 150 -23.18 0.70 -18.76
C THR B 150 -23.12 2.18 -19.01
N HIS B 151 -22.85 2.50 -20.29
CA HIS B 151 -22.79 3.86 -20.81
C HIS B 151 -24.05 4.25 -21.59
N ARG B 152 -24.28 5.55 -21.68
CA ARG B 152 -25.39 6.05 -22.49
C ARG B 152 -25.00 5.93 -23.95
N PRO B 153 -25.87 5.29 -24.77
CA PRO B 153 -25.58 5.14 -26.21
C PRO B 153 -25.50 6.47 -26.96
N PRO B 154 -24.45 6.63 -27.80
CA PRO B 154 -24.29 7.86 -28.58
C PRO B 154 -25.27 7.96 -29.74
N SER C 2 -12.30 -1.50 24.64
CA SER C 2 -12.96 -2.53 25.49
C SER C 2 -12.90 -3.87 24.78
N ASP C 3 -13.03 -4.94 25.54
CA ASP C 3 -12.99 -6.29 25.00
C ASP C 3 -14.42 -6.80 24.87
N VAL C 4 -14.72 -7.48 23.78
CA VAL C 4 -16.00 -8.16 23.62
C VAL C 4 -15.81 -9.66 23.41
N LEU C 5 -16.54 -10.43 24.21
CA LEU C 5 -16.50 -11.89 24.12
C LEU C 5 -17.74 -12.30 23.34
N ILE C 6 -17.55 -12.98 22.22
CA ILE C 6 -18.68 -13.44 21.44
C ILE C 6 -18.77 -14.96 21.63
N ARG C 7 -19.85 -15.39 22.27
CA ARG C 7 -19.99 -16.78 22.67
C ARG C 7 -20.71 -17.61 21.63
N ASP C 8 -20.45 -18.91 21.65
CA ASP C 8 -21.20 -19.88 20.84
C ASP C 8 -21.24 -19.53 19.36
N ILE C 9 -20.07 -19.34 18.77
CA ILE C 9 -19.99 -19.23 17.32
C ILE C 9 -19.94 -20.63 16.74
N PRO C 10 -20.86 -20.94 15.82
CA PRO C 10 -20.85 -22.28 15.21
C PRO C 10 -19.55 -22.58 14.47
N ASP C 11 -19.16 -23.84 14.45
CA ASP C 11 -17.91 -24.24 13.80
C ASP C 11 -17.79 -23.77 12.36
N ASP C 12 -18.89 -23.79 11.61
CA ASP C 12 -18.82 -23.48 10.19
C ASP C 12 -18.64 -21.99 9.98
N VAL C 13 -19.19 -21.19 10.89
CA VAL C 13 -18.95 -19.74 10.84
C VAL C 13 -17.49 -19.45 11.16
N LEU C 14 -16.96 -20.06 12.20
CA LEU C 14 -15.58 -19.91 12.57
C LEU C 14 -14.66 -20.34 11.42
N ALA C 15 -15.02 -21.41 10.71
CA ALA C 15 -14.21 -21.87 9.57
C ALA C 15 -14.18 -20.83 8.45
N SER C 16 -15.30 -20.16 8.22
CA SER C 16 -15.33 -19.13 7.19
C SER C 16 -14.49 -17.95 7.62
N LEU C 17 -14.60 -17.54 8.90
CA LEU C 17 -13.79 -16.43 9.39
C LEU C 17 -12.30 -16.73 9.24
N ASP C 18 -11.89 -17.92 9.65
CA ASP C 18 -10.52 -18.35 9.47
C ASP C 18 -10.08 -18.35 8.00
N ALA C 19 -10.92 -18.78 7.07
CA ALA C 19 -10.50 -18.79 5.66
C ALA C 19 -10.32 -17.38 5.13
N ILE C 20 -11.20 -16.48 5.54
CA ILE C 20 -11.12 -15.10 5.08
C ILE C 20 -9.86 -14.43 5.61
N ALA C 21 -9.63 -14.54 6.92
CA ALA C 21 -8.46 -13.97 7.58
C ALA C 21 -7.19 -14.49 6.92
N ALA C 22 -7.12 -15.80 6.68
CA ALA C 22 -5.94 -16.41 6.07
C ALA C 22 -5.68 -15.81 4.68
N ARG C 23 -6.74 -15.67 3.88
CA ARG C 23 -6.60 -15.18 2.53
CA ARG C 23 -6.59 -15.18 2.51
C ARG C 23 -6.07 -13.74 2.50
N LEU C 24 -6.41 -12.96 3.53
CA LEU C 24 -5.94 -11.59 3.64
C LEU C 24 -4.62 -11.40 4.40
N GLY C 25 -4.12 -12.47 5.04
CA GLY C 25 -2.92 -12.35 5.87
C GLY C 25 -3.14 -11.62 7.19
N LEU C 26 -4.34 -11.78 7.74
CA LEU C 26 -4.65 -11.21 9.03
C LEU C 26 -4.91 -12.32 10.03
N SER C 27 -4.68 -12.02 11.28
CA SER C 27 -5.14 -12.91 12.32
C SER C 27 -6.67 -12.93 12.39
N ARG C 28 -7.23 -13.96 12.97
CA ARG C 28 -8.67 -14.06 13.16
C ARG C 28 -9.18 -12.81 13.87
N THR C 29 -8.54 -12.41 14.96
CA THR C 29 -9.04 -11.28 15.73
C THR C 29 -8.85 -9.93 15.04
N GLU C 30 -7.76 -9.74 14.28
CA GLU C 30 -7.57 -8.49 13.53
C GLU C 30 -8.63 -8.39 12.45
N TYR C 31 -8.93 -9.51 11.79
CA TYR C 31 -10.00 -9.50 10.78
C TYR C 31 -11.34 -9.09 11.41
N ILE C 32 -11.72 -9.72 12.51
CA ILE C 32 -13.01 -9.40 13.14
C ILE C 32 -13.05 -7.93 13.58
N ARG C 33 -12.00 -7.43 14.21
CA ARG C 33 -11.95 -6.02 14.59
C ARG C 33 -12.16 -5.09 13.36
N ARG C 34 -11.49 -5.37 12.25
CA ARG C 34 -11.64 -4.54 11.06
C ARG C 34 -13.04 -4.62 10.46
N ARG C 35 -13.64 -5.81 10.51
CA ARG C 35 -14.98 -6.00 9.96
C ARG C 35 -16.02 -5.27 10.81
N LEU C 36 -15.87 -5.32 12.13
CA LEU C 36 -16.78 -4.59 13.00
C LEU C 36 -16.65 -3.08 12.84
N ALA C 37 -15.43 -2.57 12.67
CA ALA C 37 -15.25 -1.14 12.39
C ALA C 37 -15.92 -0.76 11.06
N GLN C 38 -15.72 -1.59 10.04
CA GLN C 38 -16.29 -1.33 8.73
C GLN C 38 -17.78 -1.18 8.83
N ASP C 39 -18.45 -2.11 9.50
CA ASP C 39 -19.92 -2.09 9.64
C ASP C 39 -20.35 -0.83 10.39
N ALA C 40 -19.74 -0.61 11.54
CA ALA C 40 -20.09 0.53 12.41
C ALA C 40 -19.97 1.85 11.70
N GLN C 41 -19.00 1.97 10.77
CA GLN C 41 -18.65 3.23 10.11
C GLN C 41 -19.40 3.44 8.80
N THR C 42 -20.21 2.48 8.36
CA THR C 42 -21.00 2.61 7.10
C THR C 42 -22.33 3.29 7.45
N ALA C 43 -22.67 4.41 6.80
CA ALA C 43 -23.94 5.07 7.05
C ALA C 43 -25.09 4.32 6.45
N ARG C 44 -26.22 4.33 7.16
CA ARG C 44 -27.49 3.86 6.64
C ARG C 44 -28.26 5.11 6.21
N VAL C 45 -28.33 5.32 4.89
CA VAL C 45 -28.75 6.60 4.34
C VAL C 45 -29.38 6.45 2.96
N THR C 46 -30.37 7.26 2.63
CA THR C 46 -30.99 7.25 1.31
C THR C 46 -29.97 7.86 0.30
N VAL C 47 -29.82 7.21 -0.86
CA VAL C 47 -28.88 7.60 -1.92
C VAL C 47 -29.68 7.97 -3.15
N THR C 48 -29.65 9.24 -3.55
CA THR C 48 -30.45 9.73 -4.65
C THR C 48 -29.69 10.05 -5.94
N ALA C 49 -30.43 10.19 -7.04
CA ALA C 49 -29.84 10.70 -8.28
C ALA C 49 -29.16 12.05 -8.09
N ALA C 50 -29.74 12.94 -7.29
CA ALA C 50 -29.11 14.25 -7.08
C ALA C 50 -27.78 14.10 -6.34
N ASP C 51 -27.69 13.14 -5.42
CA ASP C 51 -26.43 12.88 -4.70
C ASP C 51 -25.35 12.44 -5.70
N LEU C 52 -25.70 11.53 -6.61
CA LEU C 52 -24.71 11.08 -7.61
C LEU C 52 -24.27 12.23 -8.54
N ARG C 53 -25.18 13.13 -8.91
CA ARG C 53 -24.84 14.27 -9.78
C ARG C 53 -23.95 15.25 -9.01
N ARG C 54 -24.23 15.49 -7.71
CA ARG C 54 -23.39 16.38 -6.88
C ARG C 54 -21.97 15.83 -6.82
N LEU C 55 -21.86 14.52 -6.58
CA LEU C 55 -20.55 13.90 -6.51
C LEU C 55 -19.80 14.08 -7.83
N ARG C 56 -20.46 13.86 -8.97
CA ARG C 56 -19.76 13.98 -10.25
CA ARG C 56 -19.80 13.98 -10.28
C ARG C 56 -19.20 15.38 -10.45
N GLY C 57 -19.95 16.39 -10.03
CA GLY C 57 -19.41 17.75 -10.17
C GLY C 57 -18.21 18.00 -9.31
N ALA C 58 -18.16 17.39 -8.14
CA ALA C 58 -17.04 17.58 -7.23
C ALA C 58 -15.78 16.81 -7.62
N VAL C 59 -15.96 15.64 -8.23
CA VAL C 59 -14.83 14.73 -8.57
C VAL C 59 -14.61 14.57 -10.08
N ALA C 60 -15.04 15.53 -10.88
CA ALA C 60 -14.92 15.41 -12.31
C ALA C 60 -13.49 15.08 -12.74
N GLY C 61 -12.50 15.56 -12.00
CA GLY C 61 -11.12 15.28 -12.35
C GLY C 61 -10.68 13.82 -12.32
N LEU C 62 -11.46 12.96 -11.69
CA LEU C 62 -11.21 11.51 -11.78
C LEU C 62 -11.27 11.00 -13.22
N GLY C 63 -11.96 11.74 -14.10
CA GLY C 63 -12.05 11.41 -15.53
C GLY C 63 -11.05 12.14 -16.41
N ASP C 64 -10.04 12.79 -15.82
CA ASP C 64 -8.96 13.45 -16.53
C ASP C 64 -7.71 12.58 -16.40
N PRO C 65 -7.34 11.85 -17.46
CA PRO C 65 -6.21 10.92 -17.31
C PRO C 65 -4.89 11.56 -16.94
N GLU C 66 -4.64 12.79 -17.40
CA GLU C 66 -3.41 13.49 -17.02
C GLU C 66 -3.38 13.85 -15.54
N LEU C 67 -4.51 14.33 -15.02
CA LEU C 67 -4.58 14.65 -13.57
C LEU C 67 -4.34 13.39 -12.76
N MET C 68 -4.94 12.28 -13.17
CA MET C 68 -4.74 11.03 -12.46
C MET C 68 -3.33 10.47 -12.57
N ARG C 69 -2.66 10.68 -13.69
CA ARG C 69 -1.26 10.31 -13.77
C ARG C 69 -0.42 11.14 -12.78
N GLN C 70 -0.70 12.43 -12.67
CA GLN C 70 -0.04 13.30 -11.71
C GLN C 70 -0.21 12.83 -10.25
N ALA C 71 -1.41 12.36 -9.92
CA ALA C 71 -1.73 11.87 -8.58
C ALA C 71 -0.81 10.71 -8.19
N TRP C 72 -0.26 9.98 -9.17
CA TRP C 72 0.49 8.73 -8.93
C TRP C 72 1.99 8.80 -9.23
N ARG C 73 2.51 10.02 -9.38
CA ARG C 73 3.94 10.23 -9.49
C ARG C 73 4.58 10.52 -8.16
N SER D 2 17.53 -5.72 23.62
CA SER D 2 16.31 -5.99 24.43
C SER D 2 16.24 -7.46 24.79
N ASP D 3 15.23 -7.84 25.56
CA ASP D 3 15.11 -9.21 26.06
C ASP D 3 14.08 -10.01 25.25
N VAL D 4 14.37 -11.28 25.01
CA VAL D 4 13.47 -12.15 24.25
C VAL D 4 13.19 -13.43 25.03
N LEU D 5 11.91 -13.68 25.33
CA LEU D 5 11.51 -14.89 26.04
C LEU D 5 11.09 -15.96 25.05
N ILE D 6 11.75 -17.12 25.12
CA ILE D 6 11.40 -18.27 24.32
C ILE D 6 10.72 -19.30 25.21
N ARG D 7 9.46 -19.60 24.93
CA ARG D 7 8.69 -20.54 25.74
C ARG D 7 8.77 -21.98 25.23
N ASP D 8 8.66 -22.92 26.16
CA ASP D 8 8.49 -24.32 25.83
C ASP D 8 9.64 -24.90 25.00
N ILE D 9 10.87 -24.66 25.42
CA ILE D 9 12.04 -25.36 24.86
C ILE D 9 12.12 -26.73 25.56
N PRO D 10 12.14 -27.83 24.79
CA PRO D 10 12.22 -29.16 25.38
C PRO D 10 13.44 -29.38 26.27
N ASP D 11 13.27 -30.14 27.35
CA ASP D 11 14.38 -30.39 28.26
C ASP D 11 15.55 -31.05 27.59
N ASP D 12 15.31 -31.92 26.59
CA ASP D 12 16.45 -32.58 25.90
C ASP D 12 17.26 -31.61 25.05
N VAL D 13 16.59 -30.62 24.47
CA VAL D 13 17.31 -29.57 23.73
C VAL D 13 18.17 -28.76 24.70
N LEU D 14 17.57 -28.32 25.81
CA LEU D 14 18.32 -27.56 26.83
C LEU D 14 19.53 -28.34 27.37
N ALA D 15 19.36 -29.63 27.65
CA ALA D 15 20.48 -30.43 28.21
C ALA D 15 21.62 -30.51 27.19
N SER D 16 21.30 -30.66 25.90
CA SER D 16 22.36 -30.68 24.89
CA SER D 16 22.33 -30.69 24.88
C SER D 16 23.05 -29.36 24.77
N LEU D 17 22.30 -28.25 24.75
CA LEU D 17 22.89 -26.91 24.71
C LEU D 17 23.79 -26.65 25.93
N ASP D 18 23.35 -27.06 27.12
CA ASP D 18 24.17 -26.90 28.32
C ASP D 18 25.51 -27.63 28.17
N ALA D 19 25.51 -28.84 27.60
CA ALA D 19 26.76 -29.61 27.45
C ALA D 19 27.66 -28.99 26.39
N ILE D 20 27.07 -28.53 25.27
CA ILE D 20 27.81 -27.83 24.23
C ILE D 20 28.48 -26.57 24.79
N ALA D 21 27.73 -25.78 25.58
CA ALA D 21 28.24 -24.53 26.13
C ALA D 21 29.41 -24.75 27.10
N ALA D 22 29.27 -25.76 27.98
CA ALA D 22 30.35 -26.03 28.95
C ALA D 22 31.68 -26.36 28.27
N ARG D 23 31.61 -27.10 27.16
CA ARG D 23 32.83 -27.49 26.43
C ARG D 23 33.56 -26.27 25.88
N LEU D 24 32.81 -25.18 25.65
CA LEU D 24 33.33 -23.93 25.12
C LEU D 24 33.66 -22.92 26.22
N GLY D 25 33.50 -23.30 27.48
CA GLY D 25 33.78 -22.40 28.60
C GLY D 25 32.74 -21.30 28.81
N LEU D 26 31.51 -21.57 28.37
CA LEU D 26 30.42 -20.58 28.36
C LEU D 26 29.20 -21.06 29.17
N SER D 27 28.47 -20.12 29.77
CA SER D 27 27.13 -20.45 30.28
C SER D 27 26.16 -20.70 29.14
N ARG D 28 25.02 -21.33 29.46
CA ARG D 28 23.95 -21.56 28.46
C ARG D 28 23.55 -20.22 27.77
N THR D 29 23.26 -19.18 28.57
CA THR D 29 22.76 -17.94 27.97
C THR D 29 23.86 -17.20 27.19
N GLU D 30 25.11 -17.28 27.63
CA GLU D 30 26.19 -16.68 26.83
C GLU D 30 26.36 -17.44 25.51
N TYR D 31 26.29 -18.76 25.54
CA TYR D 31 26.37 -19.55 24.31
C TYR D 31 25.24 -19.17 23.34
N ILE D 32 24.01 -19.09 23.83
CA ILE D 32 22.88 -18.74 22.95
C ILE D 32 23.06 -17.34 22.32
N ARG D 33 23.49 -16.38 23.14
CA ARG D 33 23.73 -15.01 22.66
C ARG D 33 24.77 -15.01 21.53
N ARG D 34 25.87 -15.72 21.74
CA ARG D 34 26.91 -15.78 20.71
C ARG D 34 26.49 -16.52 19.47
N ARG D 35 25.71 -17.58 19.65
CA ARG D 35 25.22 -18.34 18.51
C ARG D 35 24.32 -17.48 17.60
N LEU D 36 23.39 -16.75 18.22
CA LEU D 36 22.52 -15.88 17.45
C LEU D 36 23.27 -14.71 16.76
N ALA D 37 24.24 -14.12 17.45
CA ALA D 37 25.09 -13.08 16.84
C ALA D 37 25.88 -13.59 15.64
N GLN D 38 26.40 -14.82 15.75
CA GLN D 38 27.16 -15.43 14.66
CA GLN D 38 27.17 -15.42 14.66
C GLN D 38 26.26 -15.72 13.48
N ASP D 39 25.04 -16.17 13.77
CA ASP D 39 24.06 -16.40 12.71
C ASP D 39 23.79 -15.10 11.96
N ALA D 40 23.63 -14.00 12.69
CA ALA D 40 23.32 -12.71 12.08
C ALA D 40 24.45 -12.22 11.19
N GLN D 41 25.69 -12.43 11.64
CA GLN D 41 26.85 -12.06 10.86
C GLN D 41 26.90 -12.86 9.55
N THR D 42 26.67 -14.17 9.65
CA THR D 42 26.63 -15.01 8.46
C THR D 42 25.52 -14.58 7.49
N ALA D 43 24.37 -14.16 8.01
CA ALA D 43 23.27 -13.75 7.12
C ALA D 43 23.43 -12.38 6.48
N ARG D 44 24.30 -11.56 7.03
CA ARG D 44 24.36 -10.16 6.62
C ARG D 44 24.67 -9.99 5.16
N VAL D 45 23.94 -9.08 4.51
CA VAL D 45 24.13 -8.75 3.11
C VAL D 45 25.20 -7.67 2.98
N THR D 46 25.88 -7.65 1.84
CA THR D 46 26.83 -6.62 1.54
C THR D 46 26.19 -5.73 0.47
N VAL D 47 26.19 -4.42 0.69
CA VAL D 47 25.72 -3.46 -0.32
C VAL D 47 26.91 -2.73 -0.92
N THR D 48 27.16 -2.94 -2.21
CA THR D 48 28.31 -2.34 -2.87
C THR D 48 27.90 -1.14 -3.74
N ALA D 49 28.88 -0.32 -4.10
CA ALA D 49 28.68 0.76 -5.06
C ALA D 49 28.09 0.25 -6.35
N ALA D 50 28.55 -0.91 -6.82
CA ALA D 50 28.03 -1.50 -8.04
C ALA D 50 26.54 -1.87 -7.91
N ASP D 51 26.13 -2.36 -6.74
CA ASP D 51 24.71 -2.69 -6.49
C ASP D 51 23.84 -1.44 -6.69
N LEU D 52 24.32 -0.32 -6.14
CA LEU D 52 23.54 0.92 -6.17
C LEU D 52 23.46 1.48 -7.61
N ARG D 53 24.55 1.34 -8.37
CA ARG D 53 24.58 1.76 -9.78
C ARG D 53 23.63 0.89 -10.60
N ARG D 54 23.65 -0.42 -10.35
CA ARG D 54 22.81 -1.36 -11.07
C ARG D 54 21.33 -1.02 -10.85
N LEU D 55 20.96 -0.75 -9.59
CA LEU D 55 19.58 -0.36 -9.30
C LEU D 55 19.17 0.91 -10.05
N ARG D 56 20.02 1.93 -10.01
CA ARG D 56 19.74 3.20 -10.68
C ARG D 56 19.49 2.97 -12.16
N GLY D 57 20.32 2.13 -12.78
CA GLY D 57 20.15 1.83 -14.19
C GLY D 57 18.85 1.10 -14.49
N ALA D 58 18.47 0.20 -13.60
CA ALA D 58 17.31 -0.65 -13.82
C ALA D 58 16.02 0.14 -13.63
N VAL D 59 16.04 1.13 -12.74
CA VAL D 59 14.84 1.93 -12.43
C VAL D 59 15.06 3.41 -12.60
N ALA D 60 15.86 3.76 -13.59
CA ALA D 60 16.07 5.16 -13.94
C ALA D 60 14.74 5.90 -14.08
N GLY D 61 13.69 5.18 -14.45
CA GLY D 61 12.38 5.81 -14.64
C GLY D 61 11.75 6.37 -13.37
N LEU D 62 12.25 5.97 -12.20
CA LEU D 62 11.75 6.53 -10.94
C LEU D 62 12.11 8.01 -10.85
N GLY D 63 13.15 8.42 -11.57
CA GLY D 63 13.55 9.83 -11.65
C GLY D 63 12.93 10.55 -12.84
N ASP D 64 11.90 9.95 -13.42
CA ASP D 64 11.14 10.55 -14.52
C ASP D 64 9.72 10.85 -14.04
N PRO D 65 9.45 12.13 -13.72
CA PRO D 65 8.13 12.54 -13.28
C PRO D 65 7.00 12.12 -14.24
N GLU D 66 7.28 12.09 -15.54
CA GLU D 66 6.27 11.72 -16.53
C GLU D 66 5.85 10.24 -16.39
N LEU D 67 6.83 9.35 -16.25
CA LEU D 67 6.53 7.93 -16.10
C LEU D 67 5.85 7.70 -14.76
N MET D 68 6.38 8.35 -13.72
CA MET D 68 5.76 8.25 -12.43
C MET D 68 4.35 8.86 -12.48
N ARG D 69 4.11 9.74 -13.47
CA ARG D 69 2.74 10.30 -13.72
C ARG D 69 1.83 9.09 -14.05
N GLN D 70 1.99 8.55 -15.24
CA GLN D 70 1.32 7.33 -15.64
C GLN D 70 1.10 6.31 -14.50
N ALA D 71 2.14 6.05 -13.71
CA ALA D 71 2.08 5.01 -12.68
C ALA D 71 0.93 5.20 -11.68
N TRP D 72 0.51 6.44 -11.47
CA TRP D 72 -0.51 6.72 -10.48
C TRP D 72 -1.83 7.20 -11.09
N ARG D 73 -2.06 6.77 -12.35
CA ARG D 73 -3.33 6.84 -13.13
C ARG D 73 -3.65 8.23 -13.63
#